data_5E7H
#
_entry.id   5E7H
#
_cell.length_a   87.090
_cell.length_b   87.090
_cell.length_c   201.560
_cell.angle_alpha   90.00
_cell.angle_beta   90.00
_cell.angle_gamma   120.00
#
_symmetry.space_group_name_H-M   'P 61 2 2'
#
loop_
_entity.id
_entity.type
_entity.pdbx_description
1 polymer 'IPT/TIG domain-containing protein BACOVA_02650'
2 non-polymer 'FORMIC ACID'
3 non-polymer 'ACETATE ION'
4 non-polymer 'SODIUM ION'
5 water water
#
_entity_poly.entity_id   1
_entity_poly.type   'polypeptide(L)'
_entity_poly.pdbx_seq_one_letter_code
;PKPVVTAVSSTMPVVGSTVTITGQNFIEVSRVNINGEFDIPVGDITTSNTFDEISFVLPQAPTQSGHISVTAIGGTVESA
EIFYPLENVILNYDGIGSHVWGDCSFVVADGSSAPYVSNGTCLGITGTVSASNYWWKQSYSNAQWVNTSIIPGNIPIDDL
KLQFECFVKEVFTGPVFQIAMCENFDAALNGYVPVSSFTGKTETGKWMQCSVSLSSVVADATYQDFLNRNSTHIGVYATN
PGSSQATIEVYFDNFRIVRK
;
_entity_poly.pdbx_strand_id   A
#
# COMPACT_ATOMS: atom_id res chain seq x y z
N PRO A 1 -0.84 -1.40 -33.47
CA PRO A 1 -0.61 -0.57 -32.28
C PRO A 1 -0.53 -1.40 -31.00
N LYS A 2 0.68 -1.50 -30.45
CA LYS A 2 0.95 -2.29 -29.26
C LYS A 2 0.20 -1.78 -28.03
N PRO A 3 -0.23 -2.69 -27.14
CA PRO A 3 -0.73 -2.20 -25.86
C PRO A 3 0.38 -1.56 -25.03
N VAL A 4 0.02 -0.60 -24.20
CA VAL A 4 0.94 0.12 -23.35
C VAL A 4 0.34 0.18 -21.95
N VAL A 5 1.17 0.03 -20.93
CA VAL A 5 0.72 0.19 -19.54
C VAL A 5 1.34 1.44 -18.93
N THR A 6 0.47 2.34 -18.47
N THR A 6 0.51 2.36 -18.44
CA THR A 6 0.90 3.59 -17.84
CA THR A 6 1.04 3.58 -17.83
C THR A 6 1.03 3.46 -16.32
C THR A 6 0.97 3.56 -16.30
N ALA A 7 0.03 2.83 -15.71
CA ALA A 7 -0.05 2.74 -14.25
C ALA A 7 -0.88 1.53 -13.82
N VAL A 8 -0.56 1.01 -12.64
CA VAL A 8 -1.35 -0.05 -12.00
C VAL A 8 -1.77 0.46 -10.63
N SER A 9 -3.00 0.17 -10.24
CA SER A 9 -3.58 0.74 -9.02
C SER A 9 -2.80 0.41 -7.76
N SER A 10 -2.21 -0.77 -7.69
CA SER A 10 -1.42 -1.17 -6.54
C SER A 10 -0.42 -2.26 -6.92
N THR A 11 0.70 -2.32 -6.20
CA THR A 11 1.63 -3.44 -6.34
C THR A 11 1.22 -4.63 -5.46
N MET A 12 0.27 -4.46 -4.54
CA MET A 12 -0.13 -5.56 -3.67
C MET A 12 -1.59 -5.41 -3.29
N PRO A 13 -2.45 -5.44 -4.31
CA PRO A 13 -3.89 -5.33 -4.03
C PRO A 13 -4.38 -6.49 -3.21
N VAL A 14 -5.29 -6.19 -2.29
CA VAL A 14 -5.92 -7.23 -1.47
C VAL A 14 -6.70 -8.23 -2.33
N VAL A 15 -6.61 -9.51 -2.00
CA VAL A 15 -7.38 -10.50 -2.69
C VAL A 15 -8.89 -10.22 -2.53
N GLY A 16 -9.61 -10.17 -3.64
CA GLY A 16 -11.02 -9.86 -3.60
C GLY A 16 -11.32 -8.41 -3.88
N SER A 17 -10.28 -7.61 -4.08
CA SER A 17 -10.45 -6.19 -4.41
C SER A 17 -10.16 -5.95 -5.88
N THR A 18 -10.52 -4.76 -6.36
CA THR A 18 -10.39 -4.43 -7.78
C THR A 18 -9.00 -3.92 -8.08
N VAL A 19 -8.43 -4.45 -9.15
CA VAL A 19 -7.17 -4.00 -9.72
C VAL A 19 -7.50 -3.21 -10.98
N THR A 20 -6.91 -2.03 -11.12
CA THR A 20 -7.14 -1.19 -12.29
C THR A 20 -5.81 -0.91 -12.95
N ILE A 21 -5.78 -1.04 -14.27
CA ILE A 21 -4.59 -0.79 -15.07
C ILE A 21 -4.93 0.27 -16.11
N THR A 22 -4.16 1.35 -16.13
CA THR A 22 -4.35 2.37 -17.16
C THR A 22 -3.27 2.24 -18.23
N GLY A 23 -3.58 2.69 -19.43
CA GLY A 23 -2.65 2.57 -20.52
C GLY A 23 -3.30 2.95 -21.82
N GLN A 24 -2.88 2.28 -22.89
CA GLN A 24 -3.39 2.60 -24.20
C GLN A 24 -3.50 1.34 -25.04
N ASN A 25 -4.48 1.34 -25.96
CA ASN A 25 -4.65 0.27 -26.95
C ASN A 25 -5.00 -1.08 -26.35
N PHE A 26 -5.80 -1.08 -25.29
CA PHE A 26 -6.30 -2.31 -24.70
C PHE A 26 -7.46 -2.82 -25.55
N ILE A 27 -7.15 -3.15 -26.79
CA ILE A 27 -8.15 -3.52 -27.79
C ILE A 27 -8.25 -5.04 -27.90
N GLU A 28 -9.45 -5.57 -27.66
CA GLU A 28 -9.70 -7.01 -27.69
C GLU A 28 -8.68 -7.74 -26.82
N VAL A 29 -8.69 -7.39 -25.54
CA VAL A 29 -7.81 -8.05 -24.58
C VAL A 29 -8.15 -9.52 -24.53
N SER A 30 -7.15 -10.36 -24.78
CA SER A 30 -7.36 -11.80 -24.88
C SER A 30 -6.72 -12.54 -23.72
N ARG A 31 -5.89 -11.86 -22.95
CA ARG A 31 -5.25 -12.49 -21.80
C ARG A 31 -4.72 -11.46 -20.83
N VAL A 32 -4.95 -11.70 -19.55
CA VAL A 32 -4.25 -10.97 -18.49
C VAL A 32 -3.65 -12.01 -17.54
N ASN A 33 -2.32 -12.10 -17.55
CA ASN A 33 -1.62 -13.08 -16.74
C ASN A 33 -0.99 -12.42 -15.53
N ILE A 34 -1.22 -13.02 -14.36
CA ILE A 34 -0.68 -12.54 -13.11
C ILE A 34 0.55 -13.34 -12.68
N ASN A 35 1.73 -12.73 -12.82
CA ASN A 35 2.99 -13.24 -12.29
C ASN A 35 3.34 -14.64 -12.78
N GLY A 36 2.87 -14.97 -13.99
CA GLY A 36 3.04 -16.29 -14.60
C GLY A 36 2.49 -17.44 -13.73
N GLU A 37 1.48 -17.14 -12.91
CA GLU A 37 0.87 -18.16 -12.05
C GLU A 37 -0.57 -18.48 -12.44
N PHE A 38 -1.33 -17.45 -12.80
CA PHE A 38 -2.72 -17.68 -13.21
C PHE A 38 -3.21 -16.55 -14.12
N ASP A 39 -4.26 -16.82 -14.89
CA ASP A 39 -4.86 -15.85 -15.80
C ASP A 39 -6.17 -15.33 -15.20
N ILE A 40 -6.52 -14.10 -15.55
CA ILE A 40 -7.84 -13.56 -15.25
C ILE A 40 -8.77 -13.98 -16.37
N PRO A 41 -9.89 -14.65 -16.05
CA PRO A 41 -10.88 -14.99 -17.09
C PRO A 41 -11.26 -13.77 -17.92
N VAL A 42 -11.19 -13.87 -19.24
CA VAL A 42 -11.44 -12.70 -20.10
C VAL A 42 -12.81 -12.11 -19.83
N GLY A 43 -13.77 -12.97 -19.53
CA GLY A 43 -15.11 -12.53 -19.22
C GLY A 43 -15.23 -11.69 -17.95
N ASP A 44 -14.20 -11.74 -17.10
CA ASP A 44 -14.19 -11.00 -15.84
C ASP A 44 -13.33 -9.73 -15.94
N ILE A 45 -12.85 -9.43 -17.14
CA ILE A 45 -12.08 -8.21 -17.38
C ILE A 45 -12.99 -7.16 -17.96
N THR A 46 -12.98 -5.96 -17.37
CA THR A 46 -13.76 -4.83 -17.88
C THR A 46 -12.83 -3.87 -18.59
N THR A 47 -13.17 -3.49 -19.83
CA THR A 47 -12.38 -2.54 -20.60
C THR A 47 -13.17 -1.27 -20.88
N SER A 48 -12.53 -0.12 -20.70
CA SER A 48 -13.18 1.17 -20.93
C SER A 48 -13.46 1.38 -22.41
N ASN A 49 -14.40 2.30 -22.69
CA ASN A 49 -14.81 2.62 -24.06
C ASN A 49 -13.66 2.94 -24.99
N THR A 50 -12.66 3.64 -24.45
CA THR A 50 -11.55 4.15 -25.24
C THR A 50 -10.30 3.27 -25.15
N PHE A 51 -10.44 2.09 -24.55
CA PHE A 51 -9.37 1.09 -24.52
C PHE A 51 -8.15 1.58 -23.75
N ASP A 52 -8.35 2.47 -22.79
CA ASP A 52 -7.25 3.04 -22.03
C ASP A 52 -7.25 2.57 -20.57
N GLU A 53 -8.14 1.65 -20.23
CA GLU A 53 -8.20 1.14 -18.88
C GLU A 53 -8.81 -0.25 -18.84
N ILE A 54 -8.25 -1.12 -18.01
CA ILE A 54 -8.91 -2.37 -17.71
C ILE A 54 -8.95 -2.57 -16.20
N SER A 55 -9.95 -3.32 -15.76
CA SER A 55 -10.04 -3.66 -14.35
C SER A 55 -10.62 -5.05 -14.15
N PHE A 56 -10.31 -5.61 -12.99
CA PHE A 56 -10.76 -6.95 -12.64
C PHE A 56 -10.54 -7.15 -11.15
N VAL A 57 -11.27 -8.09 -10.58
CA VAL A 57 -11.08 -8.46 -9.20
C VAL A 57 -9.94 -9.49 -9.10
N LEU A 58 -9.01 -9.30 -8.15
CA LEU A 58 -7.91 -10.23 -7.94
C LEU A 58 -8.49 -11.51 -7.28
N PRO A 59 -8.47 -12.67 -7.96
CA PRO A 59 -9.17 -13.82 -7.40
C PRO A 59 -8.39 -14.62 -6.35
N GLN A 60 -7.07 -14.45 -6.32
CA GLN A 60 -6.22 -15.19 -5.39
C GLN A 60 -4.88 -14.45 -5.35
N ALA A 61 -4.09 -14.70 -4.30
CA ALA A 61 -2.76 -14.08 -4.18
C ALA A 61 -1.72 -14.85 -4.96
N PRO A 62 -0.90 -14.15 -5.77
CA PRO A 62 0.33 -14.78 -6.25
C PRO A 62 1.20 -15.27 -5.09
N THR A 63 1.89 -16.39 -5.29
CA THR A 63 2.79 -16.94 -4.28
C THR A 63 4.20 -16.38 -4.43
N GLN A 64 4.48 -15.74 -5.56
CA GLN A 64 5.81 -15.16 -5.84
C GLN A 64 5.63 -13.81 -6.51
N SER A 65 6.65 -12.98 -6.44
CA SER A 65 6.69 -11.73 -7.17
C SER A 65 6.74 -12.01 -8.68
N GLY A 66 6.44 -10.98 -9.48
CA GLY A 66 6.38 -11.12 -10.92
C GLY A 66 5.84 -9.86 -11.55
N HIS A 67 5.28 -10.00 -12.76
CA HIS A 67 4.67 -8.90 -13.46
C HIS A 67 3.34 -9.30 -14.04
N ILE A 68 2.49 -8.31 -14.29
CA ILE A 68 1.26 -8.53 -15.03
C ILE A 68 1.51 -8.39 -16.52
N SER A 69 1.06 -9.37 -17.30
CA SER A 69 1.16 -9.34 -18.77
C SER A 69 -0.23 -9.20 -19.37
N VAL A 70 -0.39 -8.23 -20.26
CA VAL A 70 -1.66 -7.98 -20.95
C VAL A 70 -1.48 -8.25 -22.44
N THR A 71 -2.29 -9.16 -22.98
CA THR A 71 -2.27 -9.43 -24.41
C THR A 71 -3.49 -8.76 -25.04
N ALA A 72 -3.24 -7.96 -26.07
CA ALA A 72 -4.29 -7.29 -26.83
C ALA A 72 -4.05 -7.59 -28.30
N ILE A 73 -4.90 -7.07 -29.16
CA ILE A 73 -4.80 -7.38 -30.59
C ILE A 73 -3.44 -6.94 -31.16
N GLY A 74 -2.90 -5.86 -30.61
CA GLY A 74 -1.64 -5.31 -31.06
C GLY A 74 -0.41 -6.02 -30.51
N GLY A 75 -0.61 -6.91 -29.54
CA GLY A 75 0.49 -7.65 -28.95
C GLY A 75 0.41 -7.75 -27.44
N THR A 76 1.55 -8.02 -26.80
CA THR A 76 1.62 -8.23 -25.36
C THR A 76 2.55 -7.24 -24.72
N VAL A 77 2.12 -6.75 -23.55
CA VAL A 77 2.93 -5.81 -22.77
C VAL A 77 2.94 -6.26 -21.31
N GLU A 78 4.08 -6.05 -20.67
CA GLU A 78 4.29 -6.40 -19.27
C GLU A 78 4.37 -5.13 -18.43
N SER A 79 3.70 -5.12 -17.28
CA SER A 79 3.80 -4.00 -16.34
C SER A 79 5.25 -3.90 -15.86
N ALA A 80 5.75 -2.68 -15.71
CA ALA A 80 7.14 -2.45 -15.35
C ALA A 80 7.42 -2.69 -13.87
N GLU A 81 6.51 -2.22 -13.01
CA GLU A 81 6.59 -2.48 -11.57
C GLU A 81 6.54 -3.95 -11.25
N ILE A 82 7.25 -4.36 -10.21
CA ILE A 82 7.09 -5.71 -9.71
C ILE A 82 5.77 -5.81 -8.95
N PHE A 83 4.92 -6.72 -9.41
CA PHE A 83 3.61 -7.02 -8.80
C PHE A 83 3.77 -8.07 -7.69
N TYR A 84 3.12 -7.81 -6.55
CA TYR A 84 3.21 -8.63 -5.34
C TYR A 84 4.68 -8.83 -4.92
N PRO A 85 5.34 -7.70 -4.62
CA PRO A 85 6.74 -7.72 -4.17
C PRO A 85 6.82 -8.21 -2.73
N LEU A 86 6.57 -9.50 -2.54
CA LEU A 86 6.48 -10.09 -1.22
C LEU A 86 7.77 -9.88 -0.41
N GLU A 87 8.90 -9.82 -1.10
CA GLU A 87 10.20 -9.74 -0.46
C GLU A 87 10.50 -8.33 0.07
N ASN A 88 9.69 -7.36 -0.33
CA ASN A 88 9.83 -5.97 0.07
C ASN A 88 8.93 -5.58 1.25
N VAL A 89 8.07 -6.50 1.70
CA VAL A 89 7.18 -6.24 2.82
C VAL A 89 8.01 -6.21 4.10
N ILE A 90 7.79 -5.16 4.90
CA ILE A 90 8.50 -4.98 6.15
C ILE A 90 7.59 -5.19 7.37
N LEU A 91 6.26 -5.19 7.17
CA LEU A 91 5.32 -5.32 8.28
C LEU A 91 3.96 -5.73 7.73
N ASN A 92 3.49 -6.92 8.11
CA ASN A 92 2.12 -7.33 7.73
C ASN A 92 1.28 -7.90 8.87
N TYR A 93 1.86 -7.96 10.07
CA TYR A 93 1.17 -8.44 11.29
C TYR A 93 0.76 -9.91 11.17
N ASP A 94 1.37 -10.62 10.23
CA ASP A 94 1.15 -12.07 10.06
C ASP A 94 2.44 -12.81 9.82
N GLY A 95 3.42 -12.56 10.66
CA GLY A 95 4.68 -13.22 10.46
C GLY A 95 5.78 -12.39 9.84
N ILE A 96 5.47 -11.25 9.22
CA ILE A 96 6.53 -10.28 8.93
C ILE A 96 6.36 -9.06 9.84
N GLY A 97 7.30 -8.87 10.75
CA GLY A 97 7.18 -7.81 11.71
C GLY A 97 6.17 -8.14 12.80
N SER A 98 6.01 -7.23 13.75
CA SER A 98 5.06 -7.46 14.83
C SER A 98 4.73 -6.18 15.58
N HIS A 99 3.52 -6.13 16.08
CA HIS A 99 3.09 -5.11 17.00
C HIS A 99 3.73 -5.30 18.37
N VAL A 100 4.24 -4.22 18.96
CA VAL A 100 4.78 -4.28 20.31
C VAL A 100 3.81 -3.69 21.35
N TRP A 101 3.37 -2.46 21.12
CA TRP A 101 2.47 -1.78 22.07
C TRP A 101 1.70 -0.67 21.36
N GLY A 102 0.60 -0.26 21.98
CA GLY A 102 -0.22 0.81 21.45
C GLY A 102 -1.70 0.52 21.59
N ASP A 103 -2.48 1.60 21.62
CA ASP A 103 -3.93 1.52 21.64
C ASP A 103 -4.41 1.46 20.19
N CYS A 104 -4.80 0.28 19.74
CA CYS A 104 -5.24 0.06 18.37
C CYS A 104 -5.95 -1.28 18.31
N SER A 105 -6.37 -1.69 17.12
CA SER A 105 -6.99 -2.99 16.97
C SER A 105 -6.32 -3.73 15.81
N PHE A 106 -6.58 -5.03 15.77
CA PHE A 106 -6.13 -5.90 14.69
C PHE A 106 -7.32 -6.72 14.24
N VAL A 107 -7.55 -6.75 12.94
CA VAL A 107 -8.75 -7.41 12.40
C VAL A 107 -8.39 -8.30 11.23
N VAL A 108 -9.13 -9.39 11.09
CA VAL A 108 -9.16 -10.20 9.87
C VAL A 108 -10.53 -9.95 9.28
N ALA A 109 -10.58 -9.39 8.07
CA ALA A 109 -11.85 -8.98 7.51
C ALA A 109 -12.74 -10.18 7.25
N ASP A 110 -14.05 -9.99 7.42
CA ASP A 110 -15.00 -11.11 7.45
C ASP A 110 -16.07 -11.07 6.38
N GLY A 111 -15.92 -10.20 5.38
CA GLY A 111 -16.86 -10.14 4.27
C GLY A 111 -18.14 -9.41 4.54
N SER A 112 -18.32 -8.91 5.75
CA SER A 112 -19.61 -8.34 6.14
C SER A 112 -19.45 -6.90 6.65
N SER A 113 -18.35 -6.62 7.30
CA SER A 113 -18.08 -5.26 7.77
C SER A 113 -16.74 -4.78 7.26
N ALA A 114 -16.56 -3.46 7.26
CA ALA A 114 -15.31 -2.89 6.78
C ALA A 114 -14.09 -3.47 7.54
N PRO A 115 -12.98 -3.73 6.81
CA PRO A 115 -12.70 -3.37 5.42
C PRO A 115 -13.11 -4.44 4.38
N TYR A 116 -13.96 -5.35 4.81
CA TYR A 116 -14.67 -6.36 3.98
C TYR A 116 -13.76 -7.47 3.51
N VAL A 117 -12.61 -7.14 2.91
CA VAL A 117 -11.59 -8.11 2.55
C VAL A 117 -10.26 -7.70 3.19
N SER A 118 -9.39 -8.68 3.42
CA SER A 118 -8.04 -8.40 3.88
C SER A 118 -7.15 -9.57 3.53
N ASN A 119 -5.85 -9.28 3.43
CA ASN A 119 -4.85 -10.32 3.31
C ASN A 119 -4.43 -10.65 4.74
N GLY A 120 -5.18 -11.53 5.39
CA GLY A 120 -4.93 -11.83 6.78
C GLY A 120 -5.20 -10.66 7.70
N THR A 121 -4.34 -10.51 8.70
CA THR A 121 -4.50 -9.50 9.73
C THR A 121 -4.08 -8.12 9.25
N CYS A 122 -4.89 -7.10 9.57
CA CYS A 122 -4.52 -5.72 9.30
C CYS A 122 -4.65 -4.90 10.58
N LEU A 123 -3.95 -3.77 10.60
CA LEU A 123 -4.00 -2.79 11.69
C LEU A 123 -5.22 -1.92 11.55
N GLY A 124 -5.95 -1.75 12.65
CA GLY A 124 -7.06 -0.83 12.68
C GLY A 124 -6.81 0.33 13.62
N ILE A 125 -7.07 1.53 13.12
CA ILE A 125 -7.13 2.72 13.96
C ILE A 125 -8.56 3.22 13.80
N THR A 126 -9.40 2.95 14.78
CA THR A 126 -10.82 3.22 14.65
C THR A 126 -11.35 3.81 15.94
N GLY A 127 -12.42 4.59 15.82
CA GLY A 127 -13.09 5.10 16.99
C GLY A 127 -13.22 6.60 17.01
N THR A 128 -13.64 7.10 18.16
CA THR A 128 -13.93 8.51 18.33
C THR A 128 -12.78 9.19 19.08
N VAL A 129 -12.37 10.35 18.57
CA VAL A 129 -11.28 11.12 19.18
C VAL A 129 -11.74 12.55 19.44
N SER A 130 -11.41 13.07 20.62
CA SER A 130 -11.79 14.43 20.96
C SER A 130 -11.08 15.45 20.08
N ALA A 131 -11.56 16.70 20.11
CA ALA A 131 -10.85 17.81 19.50
C ALA A 131 -9.45 17.94 20.12
N SER A 132 -8.54 18.57 19.38
CA SER A 132 -7.19 18.93 19.84
C SER A 132 -6.60 17.88 20.79
N ASN A 133 -6.41 16.68 20.23
CA ASN A 133 -5.94 15.53 20.98
C ASN A 133 -4.62 15.10 20.40
N TYR A 134 -3.57 15.14 21.21
CA TYR A 134 -2.23 14.92 20.68
C TYR A 134 -1.63 13.57 21.08
N TRP A 135 -2.45 12.69 21.65
CA TRP A 135 -2.04 11.32 21.92
C TRP A 135 -3.29 10.47 22.05
N TRP A 136 -3.53 9.62 21.06
CA TRP A 136 -4.79 8.89 21.00
C TRP A 136 -4.54 7.41 20.71
N LYS A 137 -4.50 7.02 19.43
CA LYS A 137 -4.33 5.62 19.07
C LYS A 137 -3.11 5.46 18.20
N GLN A 138 -2.44 4.32 18.36
CA GLN A 138 -1.16 4.13 17.68
C GLN A 138 -0.73 2.67 17.74
N SER A 139 0.23 2.33 16.89
CA SER A 139 0.94 1.06 16.99
C SER A 139 2.43 1.31 16.88
N TYR A 140 3.15 0.93 17.93
CA TYR A 140 4.61 0.84 17.93
C TYR A 140 4.93 -0.59 17.54
N SER A 141 5.55 -0.77 16.38
CA SER A 141 5.83 -2.09 15.84
C SER A 141 7.30 -2.30 15.58
N ASN A 142 7.67 -3.57 15.37
CA ASN A 142 9.01 -3.95 14.91
C ASN A 142 8.87 -4.39 13.47
N ALA A 143 9.63 -3.74 12.61
CA ALA A 143 9.68 -4.07 11.21
C ALA A 143 10.74 -5.13 10.97
N GLN A 144 10.59 -5.85 9.86
CA GLN A 144 11.64 -6.67 9.31
C GLN A 144 12.14 -5.94 8.07
N TRP A 145 13.27 -5.23 8.18
CA TRP A 145 13.69 -4.40 7.05
C TRP A 145 14.03 -5.28 5.87
N VAL A 146 13.90 -4.71 4.67
CA VAL A 146 14.18 -5.44 3.43
C VAL A 146 15.65 -5.83 3.41
N ASN A 147 15.92 -7.08 3.03
CA ASN A 147 17.27 -7.59 2.93
C ASN A 147 18.09 -6.84 1.90
N THR A 148 19.39 -6.68 2.14
CA THR A 148 20.25 -5.97 1.18
C THR A 148 20.47 -6.80 -0.10
N SER A 149 20.06 -8.07 -0.10
CA SER A 149 20.08 -8.84 -1.36
C SER A 149 18.96 -8.38 -2.30
N ILE A 150 18.02 -7.61 -1.79
CA ILE A 150 16.90 -7.06 -2.55
C ILE A 150 17.13 -5.56 -2.77
N ILE A 151 17.42 -4.82 -1.70
CA ILE A 151 17.79 -3.41 -1.80
C ILE A 151 19.24 -3.23 -1.32
N PRO A 152 20.18 -3.07 -2.24
CA PRO A 152 21.56 -2.90 -1.80
C PRO A 152 21.76 -1.74 -0.84
N GLY A 153 22.76 -1.87 0.02
CA GLY A 153 23.02 -0.82 1.00
C GLY A 153 23.33 0.52 0.36
N ASN A 154 23.89 0.53 -0.84
CA ASN A 154 24.28 1.79 -1.42
C ASN A 154 23.17 2.51 -2.19
N ILE A 155 21.96 1.99 -2.16
CA ILE A 155 20.85 2.71 -2.77
C ILE A 155 20.50 3.97 -1.98
N PRO A 156 20.46 5.13 -2.62
CA PRO A 156 20.00 6.32 -1.89
C PRO A 156 18.58 6.23 -1.37
N ILE A 157 18.36 6.76 -0.17
CA ILE A 157 17.02 6.82 0.39
C ILE A 157 16.10 7.60 -0.56
N ASP A 158 16.66 8.61 -1.22
CA ASP A 158 15.93 9.40 -2.22
C ASP A 158 15.35 8.56 -3.36
N ASP A 159 15.89 7.36 -3.58
CA ASP A 159 15.43 6.48 -4.67
C ASP A 159 14.45 5.40 -4.19
N LEU A 160 13.99 5.49 -2.93
CA LEU A 160 13.08 4.50 -2.33
C LEU A 160 11.76 5.15 -1.90
N LYS A 161 10.71 4.35 -1.84
CA LYS A 161 9.44 4.80 -1.31
C LYS A 161 8.85 3.79 -0.35
N LEU A 162 8.07 4.30 0.59
CA LEU A 162 7.27 3.48 1.49
C LEU A 162 5.88 3.38 0.89
N GLN A 163 5.41 2.15 0.70
CA GLN A 163 4.06 1.88 0.22
C GLN A 163 3.33 1.09 1.26
N PHE A 164 2.01 1.20 1.27
CA PHE A 164 1.18 0.36 2.14
C PHE A 164 -0.22 0.40 1.59
N GLU A 165 -1.02 -0.56 2.00
CA GLU A 165 -2.43 -0.55 1.64
C GLU A 165 -3.19 0.09 2.77
N CYS A 166 -4.23 0.84 2.42
CA CYS A 166 -5.02 1.58 3.40
C CYS A 166 -6.49 1.53 3.02
N PHE A 167 -7.36 1.36 4.01
CA PHE A 167 -8.81 1.42 3.81
C PHE A 167 -9.35 2.51 4.73
N VAL A 168 -10.00 3.50 4.14
CA VAL A 168 -10.66 4.57 4.90
C VAL A 168 -12.17 4.43 4.72
N LYS A 169 -12.91 4.28 5.82
CA LYS A 169 -14.37 4.11 5.72
C LYS A 169 -15.06 5.35 5.17
N GLU A 170 -14.73 6.51 5.74
CA GLU A 170 -15.35 7.80 5.39
C GLU A 170 -14.31 8.88 5.54
N VAL A 171 -14.43 9.93 4.75
CA VAL A 171 -13.51 11.05 4.91
C VAL A 171 -13.75 11.70 6.27
N PHE A 172 -12.71 12.31 6.77
CA PHE A 172 -12.74 12.97 8.07
C PHE A 172 -12.00 14.29 8.00
N THR A 173 -12.28 15.16 8.96
CA THR A 173 -11.66 16.47 9.04
C THR A 173 -11.10 16.68 10.44
N GLY A 174 -9.78 16.72 10.52
CA GLY A 174 -9.07 16.94 11.78
C GLY A 174 -8.00 15.91 11.98
N PRO A 175 -8.39 14.63 12.08
CA PRO A 175 -7.39 13.61 12.40
C PRO A 175 -6.30 13.47 11.34
N VAL A 176 -5.09 13.20 11.81
CA VAL A 176 -3.93 12.96 10.93
C VAL A 176 -3.06 11.85 11.48
N PHE A 177 -2.16 11.35 10.63
CA PHE A 177 -1.26 10.28 10.99
C PHE A 177 0.20 10.72 10.95
N GLN A 178 0.96 10.16 11.87
CA GLN A 178 2.42 10.25 11.88
C GLN A 178 2.97 8.86 11.58
N ILE A 179 3.96 8.79 10.68
CA ILE A 179 4.72 7.55 10.46
C ILE A 179 6.18 7.84 10.79
N ALA A 180 6.75 7.05 11.71
CA ALA A 180 8.11 7.25 12.17
C ALA A 180 8.85 5.92 12.06
N MET A 181 10.16 5.99 11.83
CA MET A 181 11.01 4.81 11.83
C MET A 181 12.26 5.04 12.68
N CYS A 182 12.74 3.96 13.29
CA CYS A 182 14.02 3.94 14.04
C CYS A 182 14.07 4.94 15.18
N GLU A 183 12.91 5.28 15.72
CA GLU A 183 12.76 6.26 16.79
C GLU A 183 13.38 7.61 16.41
N ASN A 184 13.48 7.89 15.11
CA ASN A 184 13.96 9.20 14.68
C ASN A 184 12.76 10.10 14.43
N PHE A 185 12.21 10.66 15.49
CA PHE A 185 10.97 11.40 15.33
C PHE A 185 11.17 12.76 14.64
N ASP A 186 12.40 13.27 14.69
CA ASP A 186 12.72 14.47 13.95
C ASP A 186 12.55 14.27 12.44
N ALA A 187 12.68 13.04 11.96
CA ALA A 187 12.59 12.74 10.55
C ALA A 187 11.22 12.21 10.13
N ALA A 188 10.31 12.10 11.08
CA ALA A 188 9.02 11.45 10.80
C ALA A 188 8.12 12.24 9.85
N LEU A 189 7.22 11.51 9.21
CA LEU A 189 6.15 12.10 8.42
C LEU A 189 5.05 12.47 9.38
N ASN A 190 4.67 13.74 9.41
CA ASN A 190 3.59 14.19 10.28
C ASN A 190 2.48 14.83 9.48
N GLY A 191 1.28 14.83 10.07
CA GLY A 191 0.14 15.49 9.45
C GLY A 191 -0.40 14.83 8.21
N TYR A 192 -0.19 13.53 8.11
CA TYR A 192 -0.53 12.79 6.89
C TYR A 192 -1.96 12.32 6.88
N VAL A 193 -2.65 12.59 5.77
CA VAL A 193 -3.96 12.03 5.50
C VAL A 193 -3.81 11.06 4.30
N PRO A 194 -4.19 9.79 4.49
CA PRO A 194 -4.06 8.81 3.40
C PRO A 194 -4.68 9.25 2.09
N VAL A 195 -3.89 9.20 1.02
CA VAL A 195 -4.38 9.49 -0.34
C VAL A 195 -3.85 8.41 -1.27
N SER A 196 -4.63 8.14 -2.30
CA SER A 196 -4.28 7.08 -3.25
C SER A 196 -3.12 7.45 -4.16
N SER A 197 -2.18 6.52 -4.33
CA SER A 197 -1.09 6.72 -5.27
C SER A 197 -1.60 6.70 -6.71
N PHE A 198 -2.78 6.13 -6.91
CA PHE A 198 -3.37 5.96 -8.23
C PHE A 198 -4.21 7.16 -8.65
N THR A 199 -5.02 7.68 -7.73
CA THR A 199 -5.96 8.77 -8.07
C THR A 199 -5.60 10.13 -7.46
N GLY A 200 -4.74 10.12 -6.45
CA GLY A 200 -4.39 11.33 -5.72
C GLY A 200 -5.44 11.77 -4.71
N LYS A 201 -6.52 10.99 -4.59
CA LYS A 201 -7.61 11.30 -3.66
C LYS A 201 -7.69 10.36 -2.45
N THR A 202 -8.32 10.80 -1.37
CA THR A 202 -8.65 9.89 -0.28
C THR A 202 -9.86 9.05 -0.69
N GLU A 203 -9.58 7.87 -1.25
CA GLU A 203 -10.67 6.98 -1.64
C GLU A 203 -11.30 6.44 -0.38
N THR A 204 -12.60 6.19 -0.43
CA THR A 204 -13.31 5.62 0.71
C THR A 204 -14.06 4.35 0.36
N GLY A 205 -14.21 3.48 1.34
CA GLY A 205 -15.03 2.29 1.19
C GLY A 205 -14.36 1.20 0.40
N LYS A 206 -13.07 1.38 0.11
CA LYS A 206 -12.29 0.38 -0.61
C LYS A 206 -10.83 0.56 -0.28
N TRP A 207 -10.04 -0.48 -0.51
CA TRP A 207 -8.61 -0.39 -0.31
C TRP A 207 -7.93 0.46 -1.38
N MET A 208 -6.91 1.21 -0.96
CA MET A 208 -6.05 1.93 -1.88
C MET A 208 -4.59 1.69 -1.51
N GLN A 209 -3.72 1.84 -2.50
CA GLN A 209 -2.30 1.90 -2.23
C GLN A 209 -1.93 3.33 -1.93
N CYS A 210 -1.22 3.53 -0.82
CA CYS A 210 -0.62 4.81 -0.46
C CYS A 210 0.88 4.70 -0.63
N SER A 211 1.51 5.79 -1.01
CA SER A 211 2.94 5.83 -1.28
C SER A 211 3.50 7.16 -0.82
N VAL A 212 4.61 7.14 -0.08
CA VAL A 212 5.36 8.37 0.22
C VAL A 212 6.85 8.16 -0.05
N SER A 213 7.56 9.23 -0.41
CA SER A 213 9.02 9.11 -0.50
C SER A 213 9.57 8.62 0.84
N LEU A 214 10.51 7.68 0.80
CA LEU A 214 11.08 7.21 2.05
C LEU A 214 11.82 8.34 2.76
N SER A 215 12.32 9.33 2.02
CA SER A 215 12.98 10.49 2.62
C SER A 215 12.02 11.31 3.51
N SER A 216 10.72 11.12 3.37
CA SER A 216 9.78 11.85 4.21
C SER A 216 9.66 11.24 5.60
N VAL A 217 10.26 10.07 5.83
CA VAL A 217 10.27 9.48 7.18
C VAL A 217 11.69 9.05 7.59
N VAL A 218 12.66 9.13 6.67
CA VAL A 218 14.04 8.69 6.94
C VAL A 218 15.00 9.80 6.51
N ALA A 219 15.92 10.18 7.41
CA ALA A 219 16.83 11.31 7.18
C ALA A 219 18.20 10.91 6.61
N ASP A 220 18.49 9.62 6.61
CA ASP A 220 19.80 9.11 6.22
C ASP A 220 20.03 9.16 4.70
N ALA A 221 21.29 9.11 4.31
CA ALA A 221 21.66 9.25 2.91
C ALA A 221 21.35 7.99 2.09
N THR A 222 21.80 6.84 2.58
CA THR A 222 21.62 5.58 1.88
C THR A 222 20.91 4.55 2.74
N TYR A 223 20.47 3.47 2.10
CA TYR A 223 19.76 2.41 2.78
C TYR A 223 20.66 1.80 3.87
N GLN A 224 21.94 1.62 3.61
CA GLN A 224 22.85 1.07 4.62
C GLN A 224 22.94 2.00 5.84
N ASP A 225 22.95 3.30 5.61
CA ASP A 225 23.01 4.24 6.74
C ASP A 225 21.77 4.11 7.63
N PHE A 226 20.60 3.96 7.00
CA PHE A 226 19.35 3.74 7.68
C PHE A 226 19.41 2.46 8.49
N LEU A 227 19.88 1.37 7.88
CA LEU A 227 19.96 0.09 8.59
C LEU A 227 20.90 0.20 9.79
N ASN A 228 21.95 1.01 9.66
CA ASN A 228 22.93 1.13 10.73
C ASN A 228 22.44 2.00 11.91
N ARG A 229 21.20 2.47 11.87
CA ARG A 229 20.59 3.06 13.06
C ARG A 229 20.30 1.96 14.07
N ASN A 230 20.30 0.71 13.62
CA ASN A 230 20.18 -0.47 14.48
C ASN A 230 18.90 -0.41 15.35
N SER A 231 17.80 -0.13 14.68
CA SER A 231 16.47 -0.07 15.30
C SER A 231 15.45 -0.64 14.35
N THR A 232 14.58 -1.51 14.83
CA THR A 232 13.51 -2.03 13.98
C THR A 232 12.18 -1.33 14.21
N HIS A 233 12.19 -0.20 14.91
CA HIS A 233 10.96 0.57 15.11
C HIS A 233 10.33 1.09 13.83
N ILE A 234 9.03 0.80 13.68
CA ILE A 234 8.16 1.58 12.80
C ILE A 234 6.92 1.87 13.63
N GLY A 235 6.46 3.11 13.57
CA GLY A 235 5.31 3.54 14.37
C GLY A 235 4.32 4.28 13.51
N VAL A 236 3.04 3.99 13.74
CA VAL A 236 1.93 4.69 13.09
C VAL A 236 1.07 5.29 14.21
N TYR A 237 0.93 6.61 14.20
CA TYR A 237 0.30 7.32 15.33
C TYR A 237 -0.79 8.23 14.82
N ALA A 238 -1.98 8.13 15.41
CA ALA A 238 -3.09 8.99 15.02
C ALA A 238 -3.37 10.03 16.09
N THR A 239 -3.57 11.27 15.67
CA THR A 239 -3.94 12.37 16.57
C THR A 239 -5.04 13.17 15.92
N ASN A 240 -5.56 14.15 16.65
CA ASN A 240 -6.56 15.04 16.09
C ASN A 240 -6.31 16.50 16.45
N PRO A 241 -5.49 17.18 15.64
CA PRO A 241 -5.26 18.60 15.88
C PRO A 241 -6.45 19.48 15.51
N GLY A 242 -7.53 18.88 15.01
CA GLY A 242 -8.73 19.61 14.62
C GLY A 242 -9.54 20.14 15.79
N SER A 243 -10.40 21.12 15.51
CA SER A 243 -11.18 21.78 16.56
C SER A 243 -12.44 21.02 16.97
N SER A 244 -12.73 19.92 16.28
CA SER A 244 -13.90 19.11 16.56
C SER A 244 -13.55 17.64 16.78
N GLN A 245 -14.32 17.03 17.66
CA GLN A 245 -14.37 15.58 17.78
C GLN A 245 -14.60 14.97 16.41
N ALA A 246 -14.07 13.78 16.21
CA ALA A 246 -14.26 13.05 14.97
C ALA A 246 -14.25 11.56 15.23
N THR A 247 -14.91 10.81 14.36
CA THR A 247 -14.87 9.36 14.45
C THR A 247 -14.28 8.90 13.13
N ILE A 248 -13.29 8.03 13.18
CA ILE A 248 -12.67 7.54 11.96
C ILE A 248 -12.59 6.03 12.00
N GLU A 249 -12.36 5.43 10.84
CA GLU A 249 -12.18 3.98 10.74
C GLU A 249 -11.22 3.73 9.61
N VAL A 250 -9.96 3.44 9.97
CA VAL A 250 -8.88 3.35 8.99
C VAL A 250 -8.11 2.06 9.24
N TYR A 251 -7.83 1.31 8.16
CA TYR A 251 -7.07 0.07 8.27
C TYR A 251 -5.82 0.17 7.41
N PHE A 252 -4.76 -0.52 7.85
CA PHE A 252 -3.46 -0.55 7.17
C PHE A 252 -2.94 -1.97 7.03
N ASP A 253 -2.24 -2.26 5.93
CA ASP A 253 -1.54 -3.55 5.82
C ASP A 253 -0.38 -3.46 4.84
N ASN A 254 0.50 -4.44 4.94
CA ASN A 254 1.56 -4.69 3.95
C ASN A 254 2.43 -3.47 3.68
N PHE A 255 2.94 -2.90 4.76
CA PHE A 255 3.97 -1.89 4.62
C PHE A 255 5.16 -2.51 3.90
N ARG A 256 5.73 -1.76 2.95
CA ARG A 256 6.79 -2.28 2.09
C ARG A 256 7.64 -1.12 1.60
N ILE A 257 8.92 -1.40 1.42
CA ILE A 257 9.86 -0.43 0.89
C ILE A 257 10.29 -0.91 -0.46
N VAL A 258 10.05 -0.07 -1.49
CA VAL A 258 10.35 -0.45 -2.87
C VAL A 258 11.10 0.65 -3.58
N ARG A 259 11.68 0.34 -4.74
CA ARG A 259 12.35 1.35 -5.54
C ARG A 259 11.33 2.28 -6.19
N LYS A 260 11.67 3.55 -6.29
CA LYS A 260 10.88 4.49 -7.08
C LYS A 260 10.95 4.12 -8.54
#